data_7Q7L
#
_entry.id   7Q7L
#
_cell.length_a   93.290
_cell.length_b   100.980
_cell.length_c   67.460
_cell.angle_alpha   90.000
_cell.angle_beta   90.000
_cell.angle_gamma   90.000
#
_symmetry.space_group_name_H-M   'C 2 2 21'
#
loop_
_entity.id
_entity.type
_entity.pdbx_description
1 polymer 'Tyrosine-protein kinase JAK2'
2 non-polymer 4-[2-azanyl-8-[[(2~{S})-1-oxidanylpropan-2-yl]amino]quinazolin-6-yl]-5-ethyl-2-fluoranyl-phenol
3 non-polymer GLYCEROL
4 water water
#
_entity_poly.entity_id   1
_entity_poly.type   'polypeptide(L)'
_entity_poly.pdbx_seq_one_letter_code
;MHHHHHHDYKDDDDKENLYFQGRDPTQFEERHLKFLQQLGKGNFGSVEMCRYDPLQDNTGEVVAVKKLQHSTEEHLRDFE
REIEILKSLQHDNIVKYKGVCYSAGRRNLKLIMEYLPYGSLRDYLQKHKERIDHIKLLQYTSQICKGMEYLGTKRYIHRD
LATRNILVENENRVKIGDFGLTKVLPQDKE(PTR)(PTR)KVKEPGESPIFWYAPESLTESKFSVASDVWSFGVVLYELF
TYIEKSKSPPAEFMRMIGNDKQGQSIVTHLIELLKNNGRLPRPDGCPDEIYMIMTECWNNNVNQRPSFRDLALRVDQIRD
NMAG
;
_entity_poly.pdbx_strand_id   A
#
loop_
_chem_comp.id
_chem_comp.type
_chem_comp.name
_chem_comp.formula
9I2 non-polymer 4-[2-azanyl-8-[[(2~{S})-1-oxidanylpropan-2-yl]amino]quinazolin-6-yl]-5-ethyl-2-fluoranyl-phenol 'C19 H21 F N4 O2'
GOL non-polymer GLYCEROL 'C3 H8 O3'
#
# COMPACT_ATOMS: atom_id res chain seq x y z
N GLN A 27 -21.58 16.14 8.17
CA GLN A 27 -21.99 14.77 8.54
C GLN A 27 -22.74 14.09 7.39
N PHE A 28 -22.54 12.77 7.22
CA PHE A 28 -23.18 11.92 6.21
C PHE A 28 -24.23 11.02 6.87
N GLU A 29 -25.49 11.13 6.45
CA GLU A 29 -26.59 10.29 6.97
C GLU A 29 -26.67 9.00 6.14
N GLU A 30 -26.69 7.83 6.82
CA GLU A 30 -26.77 6.51 6.18
C GLU A 30 -27.96 6.38 5.24
N ARG A 31 -29.11 6.92 5.62
CA ARG A 31 -30.34 6.86 4.83
C ARG A 31 -30.16 7.42 3.41
N HIS A 32 -29.18 8.34 3.22
CA HIS A 32 -28.92 8.95 1.91
C HIS A 32 -27.76 8.31 1.13
N LEU A 33 -27.05 7.36 1.75
CA LEU A 33 -25.95 6.64 1.13
C LEU A 33 -26.51 5.49 0.33
N LYS A 34 -26.54 5.64 -1.02
CA LYS A 34 -27.08 4.60 -1.92
C LYS A 34 -25.97 3.69 -2.41
N PHE A 35 -26.10 2.37 -2.17
CA PHE A 35 -25.12 1.38 -2.63
C PHE A 35 -25.13 1.32 -4.17
N LEU A 36 -23.96 1.36 -4.79
CA LEU A 36 -23.85 1.27 -6.25
C LEU A 36 -23.19 -0.04 -6.66
N GLN A 37 -22.02 -0.36 -6.06
CA GLN A 37 -21.30 -1.61 -6.38
C GLN A 37 -20.19 -1.91 -5.40
N GLN A 38 -19.78 -3.19 -5.32
CA GLN A 38 -18.67 -3.69 -4.49
C GLN A 38 -17.35 -3.24 -5.12
N LEU A 39 -16.40 -2.71 -4.34
CA LEU A 39 -15.12 -2.23 -4.90
C LEU A 39 -13.99 -3.18 -4.63
N GLY A 40 -14.12 -3.91 -3.54
CA GLY A 40 -13.15 -4.91 -3.13
C GLY A 40 -13.10 -5.07 -1.62
N LYS A 41 -12.12 -5.85 -1.17
CA LYS A 41 -11.90 -6.11 0.24
C LYS A 41 -10.59 -5.44 0.63
N GLY A 42 -10.63 -4.67 1.70
CA GLY A 42 -9.44 -4.01 2.24
C GLY A 42 -9.02 -4.73 3.49
N ASN A 43 -8.12 -4.14 4.27
CA ASN A 43 -7.71 -4.74 5.56
C ASN A 43 -8.91 -4.67 6.51
N PHE A 44 -9.36 -5.86 6.99
CA PHE A 44 -10.46 -6.13 7.92
C PHE A 44 -11.84 -5.51 7.56
N GLY A 45 -12.09 -5.28 6.27
CA GLY A 45 -13.37 -4.74 5.83
C GLY A 45 -13.63 -4.79 4.33
N SER A 46 -14.77 -4.25 3.93
CA SER A 46 -15.19 -4.18 2.54
C SER A 46 -15.36 -2.73 2.12
N VAL A 47 -15.03 -2.44 0.86
CA VAL A 47 -15.15 -1.12 0.22
C VAL A 47 -16.27 -1.19 -0.78
N GLU A 48 -17.19 -0.22 -0.73
CA GLU A 48 -18.30 -0.12 -1.66
C GLU A 48 -18.30 1.25 -2.30
N MET A 49 -18.74 1.31 -3.55
CA MET A 49 -18.95 2.52 -4.31
C MET A 49 -20.41 2.88 -3.99
N CYS A 50 -20.63 4.09 -3.44
CA CYS A 50 -21.93 4.59 -3.06
C CYS A 50 -22.17 5.97 -3.66
N ARG A 51 -23.44 6.37 -3.78
CA ARG A 51 -23.79 7.72 -4.16
C ARG A 51 -24.36 8.37 -2.91
N TYR A 52 -23.76 9.48 -2.45
CA TYR A 52 -24.31 10.20 -1.30
C TYR A 52 -25.35 11.11 -1.90
N ASP A 53 -26.62 10.75 -1.76
CA ASP A 53 -27.69 11.41 -2.46
C ASP A 53 -28.80 12.00 -1.54
N PRO A 54 -28.49 13.08 -0.77
CA PRO A 54 -29.51 13.69 0.09
C PRO A 54 -30.72 14.28 -0.62
N LEU A 55 -30.58 14.70 -1.90
CA LEU A 55 -31.70 15.26 -2.67
C LEU A 55 -32.56 14.16 -3.34
N GLN A 56 -32.12 12.88 -3.26
CA GLN A 56 -32.80 11.68 -3.80
C GLN A 56 -33.15 11.78 -5.31
N ASP A 57 -32.34 12.53 -6.09
CA ASP A 57 -32.54 12.70 -7.53
C ASP A 57 -31.39 12.12 -8.36
N ASN A 58 -30.54 11.30 -7.72
CA ASN A 58 -29.38 10.63 -8.32
C ASN A 58 -28.29 11.62 -8.79
N THR A 59 -28.30 12.85 -8.26
CA THR A 59 -27.29 13.85 -8.61
C THR A 59 -26.14 13.93 -7.59
N GLY A 60 -26.23 13.18 -6.50
CA GLY A 60 -25.23 13.19 -5.43
C GLY A 60 -23.85 12.70 -5.84
N GLU A 61 -22.86 12.98 -4.98
CA GLU A 61 -21.49 12.58 -5.22
C GLU A 61 -21.28 11.09 -5.05
N VAL A 62 -20.43 10.51 -5.91
CA VAL A 62 -20.08 9.10 -5.83
C VAL A 62 -18.86 9.07 -4.90
N VAL A 63 -18.90 8.20 -3.87
CA VAL A 63 -17.87 8.06 -2.84
C VAL A 63 -17.48 6.60 -2.63
N ALA A 64 -16.31 6.38 -2.02
CA ALA A 64 -15.85 5.04 -1.66
C ALA A 64 -16.11 4.93 -0.15
N VAL A 65 -16.76 3.84 0.25
CA VAL A 65 -17.17 3.65 1.64
C VAL A 65 -16.57 2.39 2.21
N LYS A 66 -15.85 2.50 3.32
CA LYS A 66 -15.35 1.34 4.01
C LYS A 66 -16.22 1.05 5.20
N LYS A 67 -16.63 -0.22 5.33
CA LYS A 67 -17.38 -0.70 6.49
C LYS A 67 -16.71 -1.98 7.03
N LEU A 68 -17.01 -2.32 8.28
CA LEU A 68 -16.50 -3.51 8.93
C LEU A 68 -17.41 -4.70 8.67
N GLN A 69 -16.80 -5.85 8.34
CA GLN A 69 -17.53 -7.10 8.13
C GLN A 69 -17.92 -7.68 9.49
N HIS A 70 -16.99 -7.62 10.47
CA HIS A 70 -17.16 -8.10 11.84
C HIS A 70 -16.78 -6.97 12.80
N SER A 71 -17.80 -6.22 13.24
CA SER A 71 -17.67 -5.05 14.11
C SER A 71 -17.37 -5.40 15.59
N THR A 72 -16.22 -6.05 15.81
CA THR A 72 -15.74 -6.45 17.14
C THR A 72 -15.02 -5.27 17.82
N GLU A 73 -14.85 -5.32 19.16
CA GLU A 73 -14.18 -4.29 19.96
C GLU A 73 -12.73 -4.02 19.51
N GLU A 74 -12.01 -5.08 19.09
CA GLU A 74 -10.61 -4.98 18.65
C GLU A 74 -10.49 -4.36 17.26
N HIS A 75 -11.37 -4.76 16.33
CA HIS A 75 -11.31 -4.22 14.97
C HIS A 75 -11.97 -2.85 14.87
N LEU A 76 -12.92 -2.52 15.79
CA LEU A 76 -13.53 -1.19 15.84
C LEU A 76 -12.49 -0.17 16.33
N ARG A 77 -11.65 -0.56 17.30
CA ARG A 77 -10.54 0.25 17.82
C ARG A 77 -9.51 0.51 16.70
N ASP A 78 -9.16 -0.51 15.91
CA ASP A 78 -8.22 -0.31 14.80
C ASP A 78 -8.82 0.56 13.72
N PHE A 79 -10.12 0.38 13.44
CA PHE A 79 -10.82 1.13 12.38
C PHE A 79 -10.91 2.60 12.79
N GLU A 80 -11.22 2.89 14.08
CA GLU A 80 -11.24 4.26 14.58
C GLU A 80 -9.85 4.92 14.43
N ARG A 81 -8.77 4.17 14.71
CA ARG A 81 -7.39 4.65 14.56
C ARG A 81 -7.07 4.94 13.09
N GLU A 82 -7.51 4.06 12.18
CA GLU A 82 -7.30 4.24 10.74
C GLU A 82 -7.98 5.55 10.28
N ILE A 83 -9.24 5.76 10.74
CA ILE A 83 -10.03 6.97 10.44
C ILE A 83 -9.27 8.20 10.91
N GLU A 84 -8.76 8.21 12.17
CA GLU A 84 -8.02 9.36 12.71
C GLU A 84 -6.72 9.60 11.91
N ILE A 85 -6.00 8.52 11.54
CA ILE A 85 -4.78 8.61 10.73
C ILE A 85 -5.13 9.27 9.39
N LEU A 86 -6.11 8.73 8.67
CA LEU A 86 -6.48 9.26 7.35
C LEU A 86 -6.93 10.71 7.40
N LYS A 87 -7.74 11.09 8.41
CA LYS A 87 -8.21 12.45 8.62
C LYS A 87 -7.04 13.45 8.77
N SER A 88 -5.95 13.01 9.41
CA SER A 88 -4.80 13.87 9.67
C SER A 88 -3.89 14.05 8.43
N LEU A 89 -4.12 13.29 7.35
CA LEU A 89 -3.26 13.35 6.17
C LEU A 89 -3.86 14.18 5.04
N GLN A 90 -3.10 15.16 4.52
CA GLN A 90 -3.53 16.03 3.42
C GLN A 90 -2.35 16.12 2.46
N HIS A 91 -2.40 15.34 1.38
CA HIS A 91 -1.33 15.27 0.37
C HIS A 91 -1.93 14.78 -0.94
N ASP A 92 -1.49 15.33 -2.06
CA ASP A 92 -1.91 14.97 -3.43
C ASP A 92 -1.86 13.47 -3.70
N ASN A 93 -0.91 12.75 -3.09
CA ASN A 93 -0.74 11.32 -3.34
C ASN A 93 -1.18 10.45 -2.17
N ILE A 94 -2.19 10.89 -1.43
CA ILE A 94 -2.83 10.12 -0.36
C ILE A 94 -4.32 10.27 -0.58
N VAL A 95 -5.07 9.14 -0.60
CA VAL A 95 -6.53 9.14 -0.76
C VAL A 95 -7.17 10.14 0.25
N LYS A 96 -8.09 10.98 -0.27
CA LYS A 96 -8.77 11.98 0.58
C LYS A 96 -9.87 11.39 1.45
N TYR A 97 -9.80 11.72 2.73
CA TYR A 97 -10.81 11.44 3.71
C TYR A 97 -11.95 12.45 3.46
N LYS A 98 -13.20 12.01 3.53
CA LYS A 98 -14.35 12.91 3.36
C LYS A 98 -15.16 12.99 4.63
N GLY A 99 -15.31 11.89 5.33
CA GLY A 99 -16.09 11.91 6.54
C GLY A 99 -16.38 10.54 7.08
N VAL A 100 -17.25 10.50 8.07
CA VAL A 100 -17.67 9.29 8.75
C VAL A 100 -19.18 9.26 8.81
N CYS A 101 -19.76 8.08 8.67
CA CYS A 101 -21.21 7.90 8.82
C CYS A 101 -21.43 7.14 10.11
N TYR A 102 -22.09 7.79 11.09
CA TYR A 102 -22.37 7.24 12.41
C TYR A 102 -23.73 6.61 12.49
N SER A 103 -24.72 7.11 11.71
CA SER A 103 -26.16 6.77 11.65
C SER A 103 -26.56 5.37 12.18
N ALA A 104 -25.73 4.33 11.89
CA ALA A 104 -25.93 2.94 12.32
C ALA A 104 -25.32 2.64 13.72
N GLY A 105 -25.12 3.71 14.50
CA GLY A 105 -24.54 3.61 15.83
C GLY A 105 -23.03 3.66 15.82
N ARG A 106 -22.46 3.79 17.03
CA ARG A 106 -21.03 3.90 17.28
C ARG A 106 -20.25 2.63 16.95
N ARG A 107 -20.93 1.48 16.98
CA ARG A 107 -20.34 0.17 16.70
C ARG A 107 -20.41 -0.23 15.21
N ASN A 108 -21.10 0.58 14.37
CA ASN A 108 -21.24 0.33 12.92
C ASN A 108 -20.80 1.54 12.03
N LEU A 109 -19.63 2.12 12.36
CA LEU A 109 -19.01 3.25 11.66
C LEU A 109 -18.74 2.97 10.19
N LYS A 110 -18.90 3.97 9.35
CA LYS A 110 -18.56 3.89 7.93
C LYS A 110 -17.60 5.01 7.63
N LEU A 111 -16.51 4.70 6.91
CA LEU A 111 -15.50 5.68 6.52
C LEU A 111 -15.81 6.08 5.08
N ILE A 112 -15.97 7.38 4.85
CA ILE A 112 -16.29 7.94 3.52
C ILE A 112 -15.03 8.58 2.98
N MET A 113 -14.61 8.12 1.80
CA MET A 113 -13.43 8.61 1.13
C MET A 113 -13.79 9.00 -0.29
N GLU A 114 -12.90 9.71 -0.98
CA GLU A 114 -13.13 10.03 -2.38
C GLU A 114 -13.07 8.72 -3.18
N TYR A 115 -13.84 8.65 -4.25
CA TYR A 115 -13.84 7.48 -5.10
C TYR A 115 -12.81 7.75 -6.20
N LEU A 116 -11.80 6.87 -6.38
CA LEU A 116 -10.76 7.05 -7.44
C LEU A 116 -11.17 6.14 -8.61
N PRO A 117 -11.65 6.76 -9.70
CA PRO A 117 -12.36 5.99 -10.75
C PRO A 117 -11.56 5.01 -11.59
N TYR A 118 -10.23 5.08 -11.57
CA TYR A 118 -9.47 4.14 -12.40
C TYR A 118 -9.06 2.88 -11.62
N GLY A 119 -9.54 2.73 -10.39
CA GLY A 119 -9.29 1.56 -9.56
C GLY A 119 -7.89 1.46 -8.97
N SER A 120 -7.49 0.25 -8.54
CA SER A 120 -6.17 0.05 -7.94
C SER A 120 -5.14 0.05 -9.03
N LEU A 121 -3.91 0.43 -8.68
CA LEU A 121 -2.83 0.48 -9.64
C LEU A 121 -2.51 -0.93 -10.13
N ARG A 122 -2.66 -1.94 -9.25
CA ARG A 122 -2.46 -3.34 -9.62
C ARG A 122 -3.38 -3.69 -10.81
N ASP A 123 -4.70 -3.39 -10.67
CA ASP A 123 -5.70 -3.69 -11.71
C ASP A 123 -5.47 -2.85 -12.97
N TYR A 124 -5.17 -1.56 -12.78
CA TYR A 124 -4.92 -0.62 -13.87
C TYR A 124 -3.71 -1.11 -14.74
N LEU A 125 -2.61 -1.50 -14.08
CA LEU A 125 -1.42 -1.96 -14.80
C LEU A 125 -1.60 -3.32 -15.46
N GLN A 126 -2.29 -4.25 -14.80
CA GLN A 126 -2.58 -5.59 -15.31
C GLN A 126 -3.46 -5.52 -16.57
N LYS A 127 -4.30 -4.47 -16.67
CA LYS A 127 -5.21 -4.26 -17.80
C LYS A 127 -4.48 -3.66 -19.01
N HIS A 128 -3.63 -2.64 -18.78
CA HIS A 128 -2.95 -1.95 -19.87
C HIS A 128 -1.55 -2.50 -20.20
N LYS A 129 -0.91 -3.18 -19.26
CA LYS A 129 0.44 -3.76 -19.43
C LYS A 129 1.43 -2.73 -20.01
N GLU A 130 2.30 -3.15 -20.97
CA GLU A 130 3.35 -2.33 -21.60
C GLU A 130 2.85 -1.07 -22.32
N ARG A 131 1.52 -0.81 -22.34
CA ARG A 131 0.98 0.42 -22.93
C ARG A 131 1.26 1.62 -22.00
N ILE A 132 1.59 1.32 -20.74
CA ILE A 132 2.01 2.29 -19.74
C ILE A 132 3.53 2.26 -19.91
N ASP A 133 4.15 3.31 -20.48
CA ASP A 133 5.59 3.30 -20.72
C ASP A 133 6.40 3.52 -19.43
N HIS A 134 7.74 3.38 -19.52
CA HIS A 134 8.66 3.56 -18.39
C HIS A 134 8.57 4.96 -17.75
N ILE A 135 8.45 6.04 -18.57
CA ILE A 135 8.29 7.45 -18.15
C ILE A 135 7.07 7.54 -17.22
N LYS A 136 5.94 6.97 -17.64
CA LYS A 136 4.70 6.90 -16.89
C LYS A 136 4.87 6.11 -15.60
N LEU A 137 5.55 4.93 -15.64
CA LEU A 137 5.78 4.15 -14.41
C LEU A 137 6.62 4.93 -13.39
N LEU A 138 7.57 5.72 -13.87
CA LEU A 138 8.42 6.51 -12.99
C LEU A 138 7.69 7.71 -12.40
N GLN A 139 6.73 8.27 -13.14
CA GLN A 139 5.87 9.35 -12.61
C GLN A 139 5.07 8.78 -11.40
N TYR A 140 4.49 7.56 -11.52
CA TYR A 140 3.74 6.94 -10.43
C TYR A 140 4.68 6.60 -9.27
N THR A 141 5.89 6.10 -9.60
CA THR A 141 6.92 5.76 -8.60
C THR A 141 7.28 7.00 -7.75
N SER A 142 7.49 8.14 -8.44
CA SER A 142 7.83 9.41 -7.79
C SER A 142 6.69 9.82 -6.87
N GLN A 143 5.41 9.72 -7.35
CA GLN A 143 4.21 10.06 -6.57
C GLN A 143 4.07 9.18 -5.33
N ILE A 144 4.39 7.88 -5.45
CA ILE A 144 4.36 6.92 -4.31
C ILE A 144 5.40 7.33 -3.26
N CYS A 145 6.63 7.65 -3.69
CA CYS A 145 7.71 8.13 -2.79
C CYS A 145 7.31 9.37 -2.01
N LYS A 146 6.65 10.32 -2.70
CA LYS A 146 6.24 11.59 -2.11
C LYS A 146 5.14 11.42 -1.06
N GLY A 147 4.15 10.57 -1.33
CA GLY A 147 3.10 10.26 -0.35
C GLY A 147 3.68 9.58 0.87
N MET A 148 4.61 8.64 0.65
CA MET A 148 5.31 7.90 1.72
C MET A 148 6.22 8.78 2.57
N GLU A 149 6.96 9.71 1.92
CA GLU A 149 7.85 10.66 2.61
C GLU A 149 6.98 11.57 3.51
N TYR A 150 5.85 12.06 2.97
CA TYR A 150 4.92 12.86 3.76
C TYR A 150 4.40 12.06 4.97
N LEU A 151 4.07 10.77 4.77
CA LEU A 151 3.61 9.86 5.81
C LEU A 151 4.63 9.72 6.95
N GLY A 152 5.91 9.59 6.60
CA GLY A 152 7.02 9.50 7.54
C GLY A 152 7.20 10.75 8.39
N THR A 153 6.87 11.95 7.85
CA THR A 153 7.01 13.21 8.62
C THR A 153 6.00 13.21 9.78
N LYS A 154 4.92 12.40 9.67
CA LYS A 154 3.89 12.27 10.68
C LYS A 154 4.19 11.08 11.62
N ARG A 155 5.29 10.33 11.37
CA ARG A 155 5.72 9.18 12.19
C ARG A 155 4.73 7.99 12.07
N TYR A 156 4.08 7.88 10.90
CA TYR A 156 3.20 6.77 10.56
C TYR A 156 3.98 5.75 9.73
N ILE A 157 3.76 4.47 9.98
CA ILE A 157 4.37 3.33 9.29
C ILE A 157 3.22 2.68 8.58
N HIS A 158 3.18 2.75 7.24
CA HIS A 158 2.09 2.20 6.45
C HIS A 158 1.89 0.70 6.66
N ARG A 159 2.99 -0.10 6.62
CA ARG A 159 2.97 -1.55 6.85
C ARG A 159 2.31 -2.36 5.73
N ASP A 160 1.61 -1.74 4.76
CA ASP A 160 0.95 -2.54 3.70
C ASP A 160 1.07 -1.88 2.30
N LEU A 161 2.26 -1.32 2.01
CA LEU A 161 2.54 -0.73 0.70
C LEU A 161 2.71 -1.84 -0.33
N ALA A 162 1.80 -1.84 -1.33
CA ALA A 162 1.67 -2.82 -2.42
C ALA A 162 0.80 -2.14 -3.51
N THR A 163 0.92 -2.56 -4.78
CA THR A 163 0.13 -1.94 -5.86
C THR A 163 -1.37 -2.11 -5.69
N ARG A 164 -1.79 -3.16 -4.95
CA ARG A 164 -3.21 -3.43 -4.66
C ARG A 164 -3.81 -2.35 -3.77
N ASN A 165 -2.96 -1.67 -2.97
CA ASN A 165 -3.36 -0.62 -2.04
C ASN A 165 -3.05 0.79 -2.53
N ILE A 166 -2.64 0.89 -3.81
CA ILE A 166 -2.38 2.20 -4.43
C ILE A 166 -3.50 2.42 -5.44
N LEU A 167 -4.10 3.60 -5.44
CA LEU A 167 -5.24 3.89 -6.31
C LEU A 167 -4.91 4.89 -7.40
N VAL A 168 -5.60 4.76 -8.52
CA VAL A 168 -5.37 5.60 -9.69
C VAL A 168 -6.51 6.64 -9.82
N GLU A 169 -6.16 7.92 -9.70
CA GLU A 169 -7.19 8.96 -9.84
C GLU A 169 -7.49 9.18 -11.32
N ASN A 170 -6.42 9.32 -12.12
CA ASN A 170 -6.47 9.52 -13.57
C ASN A 170 -5.12 9.02 -14.14
N GLU A 171 -4.90 9.09 -15.45
CA GLU A 171 -3.66 8.61 -16.05
C GLU A 171 -2.39 9.33 -15.51
N ASN A 172 -2.54 10.50 -14.85
CA ASN A 172 -1.40 11.28 -14.34
C ASN A 172 -1.20 11.28 -12.83
N ARG A 173 -2.11 10.68 -12.07
CA ARG A 173 -2.01 10.69 -10.60
C ARG A 173 -2.46 9.41 -9.93
N VAL A 174 -1.61 8.91 -9.01
CA VAL A 174 -1.86 7.77 -8.13
C VAL A 174 -1.83 8.25 -6.69
N LYS A 175 -2.54 7.55 -5.80
CA LYS A 175 -2.59 7.92 -4.39
C LYS A 175 -2.50 6.68 -3.52
N ILE A 176 -1.80 6.81 -2.41
CA ILE A 176 -1.66 5.71 -1.45
C ILE A 176 -2.98 5.54 -0.71
N GLY A 177 -3.46 4.30 -0.67
CA GLY A 177 -4.67 3.90 0.03
C GLY A 177 -4.42 2.89 1.13
N ASP A 178 -5.51 2.20 1.56
CA ASP A 178 -5.59 1.19 2.61
C ASP A 178 -4.60 1.40 3.79
N PHE A 179 -5.01 2.26 4.74
CA PHE A 179 -4.24 2.55 5.95
C PHE A 179 -4.64 1.63 7.09
N GLY A 180 -5.30 0.51 6.76
CA GLY A 180 -5.79 -0.46 7.74
C GLY A 180 -4.74 -1.07 8.67
N LEU A 181 -3.48 -1.20 8.20
CA LEU A 181 -2.41 -1.78 9.01
C LEU A 181 -1.46 -0.72 9.61
N THR A 182 -1.70 0.57 9.28
CA THR A 182 -0.83 1.70 9.67
C THR A 182 -0.66 1.83 11.17
N LYS A 183 0.61 1.97 11.61
CA LYS A 183 0.97 2.14 13.01
C LYS A 183 1.64 3.48 13.22
N VAL A 184 1.49 4.03 14.45
CA VAL A 184 2.11 5.28 14.82
C VAL A 184 3.33 4.89 15.64
N LEU A 185 4.49 5.48 15.31
CA LEU A 185 5.70 5.22 16.06
C LEU A 185 5.55 5.76 17.48
N PRO A 186 6.04 5.03 18.51
CA PRO A 186 6.06 5.62 19.87
C PRO A 186 7.01 6.82 19.84
N GLN A 187 6.82 7.82 20.74
CA GLN A 187 7.64 9.02 20.80
C GLN A 187 9.15 8.79 20.93
N ASP A 188 9.54 7.75 21.68
CA ASP A 188 10.94 7.43 22.00
C ASP A 188 11.55 6.31 21.15
N LYS A 189 10.86 5.83 20.09
CA LYS A 189 11.36 4.72 19.27
C LYS A 189 11.20 4.95 17.78
N GLU A 190 12.13 4.40 16.99
CA GLU A 190 12.07 4.49 15.52
C GLU A 190 11.41 3.27 14.88
N PTR A 191 10.95 2.34 15.73
CA PTR A 191 10.22 1.15 15.27
C PTR A 191 8.96 0.90 16.11
O PTR A 191 8.88 1.36 17.24
CB PTR A 191 11.11 -0.10 15.20
CG PTR A 191 11.49 -0.61 16.58
CD1 PTR A 191 12.76 -0.21 17.05
CD2 PTR A 191 10.63 -1.47 17.36
CE1 PTR A 191 13.18 -0.67 18.30
CE2 PTR A 191 11.05 -1.91 18.64
CZ PTR A 191 12.35 -1.54 19.10
OH PTR A 191 12.73 -1.99 20.37
P PTR A 191 14.16 -2.62 20.45
O1P PTR A 191 14.19 -3.48 21.72
O2P PTR A 191 15.24 -1.52 20.49
O3P PTR A 191 14.47 -3.56 19.26
N PTR A 192 8.00 0.16 15.54
CA PTR A 192 6.77 -0.28 16.19
C PTR A 192 6.80 -1.83 16.16
O PTR A 192 6.89 -2.42 15.07
CB PTR A 192 5.43 0.21 15.45
CG PTR A 192 4.24 -0.13 16.33
CD1 PTR A 192 3.70 0.85 17.21
CD2 PTR A 192 3.63 -1.43 16.28
CE1 PTR A 192 2.59 0.53 18.03
CE2 PTR A 192 2.52 -1.75 17.11
CZ PTR A 192 1.99 -0.76 17.96
OH PTR A 192 0.99 -1.16 18.81
P PTR A 192 -0.45 -0.72 18.70
O1P PTR A 192 -1.22 -1.91 18.13
O2P PTR A 192 -0.75 0.50 17.86
O3P PTR A 192 -0.78 -0.36 20.10
N LYS A 193 6.73 -2.48 17.35
CA LYS A 193 6.70 -3.95 17.43
C LYS A 193 5.25 -4.45 17.50
N VAL A 194 4.84 -5.29 16.55
CA VAL A 194 3.47 -5.85 16.55
C VAL A 194 3.51 -7.17 17.34
N LYS A 195 2.87 -7.20 18.53
CA LYS A 195 2.89 -8.34 19.47
C LYS A 195 2.21 -9.63 18.97
N GLU A 196 0.99 -9.50 18.41
CA GLU A 196 0.21 -10.62 17.90
C GLU A 196 -0.25 -10.32 16.48
N PRO A 197 0.59 -10.63 15.47
CA PRO A 197 0.23 -10.29 14.09
C PRO A 197 -1.07 -10.93 13.61
N GLY A 198 -1.81 -10.17 12.81
CA GLY A 198 -3.00 -10.64 12.12
C GLY A 198 -2.56 -11.17 10.77
N GLU A 199 -3.37 -10.98 9.72
CA GLU A 199 -2.95 -11.44 8.37
C GLU A 199 -1.82 -10.49 7.93
N SER A 200 -0.70 -11.06 7.48
CA SER A 200 0.51 -10.30 7.18
C SER A 200 1.00 -10.50 5.76
N PRO A 201 1.25 -9.42 4.98
CA PRO A 201 1.69 -9.61 3.57
C PRO A 201 3.20 -9.91 3.54
N ILE A 202 3.56 -11.10 4.04
CA ILE A 202 4.96 -11.53 4.21
C ILE A 202 5.86 -11.39 2.95
N PHE A 203 5.29 -11.45 1.73
CA PHE A 203 6.13 -11.37 0.54
C PHE A 203 6.56 -9.93 0.22
N TRP A 204 6.07 -8.97 1.01
CA TRP A 204 6.42 -7.55 0.91
C TRP A 204 7.20 -7.13 2.17
N TYR A 205 7.45 -8.07 3.12
CA TYR A 205 8.05 -7.73 4.41
C TYR A 205 9.57 -7.70 4.43
N ALA A 206 10.12 -6.74 5.17
CA ALA A 206 11.56 -6.60 5.43
C ALA A 206 11.97 -7.80 6.33
N PRO A 207 13.23 -8.28 6.30
CA PRO A 207 13.61 -9.43 7.16
C PRO A 207 13.32 -9.23 8.65
N GLU A 208 13.59 -8.02 9.19
CA GLU A 208 13.34 -7.74 10.60
C GLU A 208 11.84 -7.72 10.94
N SER A 209 10.97 -7.49 9.94
CA SER A 209 9.53 -7.54 10.16
C SER A 209 9.11 -9.02 10.27
N LEU A 210 9.75 -9.90 9.49
CA LEU A 210 9.51 -11.34 9.53
C LEU A 210 10.06 -11.98 10.81
N THR A 211 11.27 -11.57 11.25
CA THR A 211 11.92 -12.22 12.41
C THR A 211 11.48 -11.66 13.75
N GLU A 212 11.32 -10.32 13.83
CA GLU A 212 11.04 -9.65 15.10
C GLU A 212 9.75 -8.90 15.16
N SER A 213 9.00 -8.84 14.02
CA SER A 213 7.74 -8.12 13.93
C SER A 213 7.95 -6.61 14.19
N LYS A 214 9.09 -6.10 13.71
CA LYS A 214 9.50 -4.70 13.80
C LYS A 214 9.24 -3.96 12.48
N PHE A 215 8.45 -2.90 12.58
CA PHE A 215 8.04 -2.05 11.46
C PHE A 215 8.56 -0.63 11.69
N SER A 216 9.13 -0.03 10.65
CA SER A 216 9.72 1.30 10.74
C SER A 216 9.62 1.96 9.37
N VAL A 217 10.13 3.19 9.22
CA VAL A 217 10.17 3.84 7.91
C VAL A 217 11.04 2.97 6.99
N ALA A 218 12.12 2.36 7.53
CA ALA A 218 13.02 1.49 6.76
C ALA A 218 12.30 0.25 6.22
N SER A 219 11.37 -0.36 7.00
CA SER A 219 10.64 -1.54 6.49
C SER A 219 9.62 -1.10 5.40
N ASP A 220 9.08 0.14 5.48
CA ASP A 220 8.21 0.66 4.41
C ASP A 220 9.04 0.85 3.12
N VAL A 221 10.33 1.30 3.25
CA VAL A 221 11.23 1.46 2.09
C VAL A 221 11.46 0.08 1.43
N TRP A 222 11.70 -0.98 2.24
CA TRP A 222 11.82 -2.36 1.73
C TRP A 222 10.58 -2.71 0.88
N SER A 223 9.35 -2.48 1.43
CA SER A 223 8.08 -2.76 0.72
C SER A 223 7.98 -1.94 -0.55
N PHE A 224 8.47 -0.69 -0.51
CA PHE A 224 8.49 0.20 -1.67
C PHE A 224 9.34 -0.45 -2.79
N GLY A 225 10.46 -1.08 -2.43
CA GLY A 225 11.29 -1.76 -3.42
C GLY A 225 10.48 -2.86 -4.09
N VAL A 226 9.63 -3.54 -3.30
CA VAL A 226 8.73 -4.59 -3.82
C VAL A 226 7.67 -3.96 -4.78
N VAL A 227 7.12 -2.78 -4.42
CA VAL A 227 6.13 -2.06 -5.29
C VAL A 227 6.77 -1.69 -6.65
N LEU A 228 8.04 -1.22 -6.61
CA LEU A 228 8.81 -0.87 -7.81
C LEU A 228 8.99 -2.12 -8.68
N TYR A 229 9.27 -3.28 -8.05
CA TYR A 229 9.35 -4.55 -8.77
C TYR A 229 7.97 -4.89 -9.45
N GLU A 230 6.85 -4.74 -8.71
CA GLU A 230 5.50 -5.02 -9.22
C GLU A 230 5.22 -4.18 -10.45
N LEU A 231 5.54 -2.85 -10.36
CA LEU A 231 5.34 -1.94 -11.49
C LEU A 231 6.06 -2.44 -12.76
N PHE A 232 7.37 -2.74 -12.64
CA PHE A 232 8.15 -3.13 -13.82
C PHE A 232 7.90 -4.60 -14.29
N THR A 233 7.13 -5.42 -13.54
CA THR A 233 6.75 -6.75 -14.06
C THR A 233 5.41 -6.61 -14.77
N TYR A 234 4.75 -5.43 -14.64
CA TYR A 234 3.44 -5.17 -15.24
C TYR A 234 2.39 -6.15 -14.70
N ILE A 235 2.59 -6.68 -13.48
CA ILE A 235 1.72 -7.63 -12.77
C ILE A 235 1.53 -8.93 -13.59
N GLU A 236 2.60 -9.40 -14.24
CA GLU A 236 2.59 -10.68 -14.95
C GLU A 236 2.50 -11.72 -13.81
N LYS A 237 1.37 -12.46 -13.76
CA LYS A 237 0.99 -13.43 -12.71
C LYS A 237 2.14 -14.33 -12.20
N SER A 238 2.84 -15.00 -13.14
CA SER A 238 3.95 -15.89 -12.80
C SER A 238 5.18 -15.13 -12.22
N LYS A 239 5.19 -13.79 -12.33
CA LYS A 239 6.29 -12.95 -11.87
C LYS A 239 5.97 -12.23 -10.56
N SER A 240 4.78 -12.45 -9.99
CA SER A 240 4.40 -11.79 -8.75
C SER A 240 5.39 -12.10 -7.61
N PRO A 241 5.59 -11.18 -6.63
CA PRO A 241 6.46 -11.50 -5.48
C PRO A 241 6.10 -12.86 -4.78
N PRO A 242 4.82 -13.24 -4.49
CA PRO A 242 4.59 -14.59 -3.94
C PRO A 242 5.06 -15.73 -4.87
N ALA A 243 4.80 -15.64 -6.20
CA ALA A 243 5.19 -16.72 -7.13
C ALA A 243 6.70 -16.90 -7.17
N GLU A 244 7.41 -15.78 -7.28
CA GLU A 244 8.86 -15.78 -7.36
C GLU A 244 9.51 -16.26 -6.05
N PHE A 245 9.06 -15.77 -4.89
CA PHE A 245 9.65 -16.22 -3.62
C PHE A 245 9.35 -17.69 -3.34
N MET A 246 8.14 -18.16 -3.69
CA MET A 246 7.73 -19.56 -3.50
C MET A 246 8.56 -20.47 -4.39
N ARG A 247 8.87 -20.00 -5.62
CA ARG A 247 9.74 -20.72 -6.54
C ARG A 247 11.16 -20.82 -5.92
N MET A 248 11.62 -19.75 -5.22
CA MET A 248 12.96 -19.77 -4.63
C MET A 248 13.05 -20.64 -3.38
N ILE A 249 12.00 -20.66 -2.55
CA ILE A 249 12.07 -21.49 -1.32
C ILE A 249 11.61 -22.94 -1.58
N GLY A 250 10.85 -23.15 -2.68
CA GLY A 250 10.28 -24.44 -3.07
C GLY A 250 8.78 -24.42 -2.86
N ASN A 251 8.00 -24.73 -3.89
CA ASN A 251 6.53 -24.75 -3.83
C ASN A 251 5.98 -25.82 -2.83
N ASP A 252 6.85 -26.68 -2.30
CA ASP A 252 6.51 -27.72 -1.32
C ASP A 252 6.39 -27.12 0.10
N LYS A 253 6.93 -25.90 0.34
CA LYS A 253 6.83 -25.24 1.65
C LYS A 253 5.42 -24.70 1.88
N GLN A 254 4.88 -24.97 3.08
CA GLN A 254 3.50 -24.60 3.39
C GLN A 254 3.41 -24.00 4.79
N GLY A 255 2.45 -23.11 4.96
CA GLY A 255 2.16 -22.45 6.24
C GLY A 255 3.37 -21.78 6.86
N GLN A 256 3.55 -21.96 8.18
CA GLN A 256 4.65 -21.35 8.94
C GLN A 256 6.04 -21.63 8.30
N SER A 257 6.22 -22.82 7.68
CA SER A 257 7.47 -23.21 7.01
CA SER A 257 7.49 -23.20 7.02
C SER A 257 7.88 -22.18 5.95
N ILE A 258 6.89 -21.55 5.29
CA ILE A 258 7.16 -20.52 4.27
C ILE A 258 7.95 -19.38 4.91
N VAL A 259 7.49 -18.91 6.08
CA VAL A 259 8.11 -17.80 6.80
C VAL A 259 9.54 -18.18 7.19
N THR A 260 9.70 -19.35 7.80
CA THR A 260 11.01 -19.88 8.19
C THR A 260 11.99 -19.87 6.98
N HIS A 261 11.61 -20.45 5.84
CA HIS A 261 12.48 -20.52 4.66
C HIS A 261 12.70 -19.15 3.99
N LEU A 262 11.68 -18.26 4.01
CA LEU A 262 11.81 -16.92 3.42
C LEU A 262 12.88 -16.11 4.20
N ILE A 263 12.86 -16.17 5.55
CA ILE A 263 13.84 -15.52 6.44
C ILE A 263 15.26 -15.97 6.04
N GLU A 264 15.48 -17.30 5.94
CA GLU A 264 16.80 -17.82 5.56
C GLU A 264 17.23 -17.35 4.17
N LEU A 265 16.30 -17.38 3.20
CA LEU A 265 16.58 -16.95 1.83
C LEU A 265 17.02 -15.48 1.80
N LEU A 266 16.25 -14.58 2.46
CA LEU A 266 16.58 -13.14 2.50
C LEU A 266 17.91 -12.87 3.20
N LYS A 267 18.19 -13.61 4.29
CA LYS A 267 19.44 -13.48 5.05
C LYS A 267 20.66 -13.84 4.16
N ASN A 268 20.48 -14.77 3.20
CA ASN A 268 21.52 -15.23 2.28
C ASN A 268 21.49 -14.55 0.92
N ASN A 269 20.87 -13.37 0.84
CA ASN A 269 20.77 -12.46 -0.31
C ASN A 269 19.94 -12.99 -1.49
N GLY A 270 19.01 -13.91 -1.23
CA GLY A 270 18.01 -14.32 -2.20
C GLY A 270 17.09 -13.12 -2.40
N ARG A 271 16.93 -12.68 -3.65
CA ARG A 271 16.13 -11.48 -3.96
C ARG A 271 15.29 -11.73 -5.19
N LEU A 272 14.25 -10.89 -5.35
CA LEU A 272 13.41 -10.91 -6.56
C LEU A 272 14.31 -10.58 -7.77
N PRO A 273 14.06 -11.20 -8.94
CA PRO A 273 14.95 -10.91 -10.08
C PRO A 273 14.65 -9.54 -10.72
N ARG A 274 15.50 -9.15 -11.66
CA ARG A 274 15.28 -7.93 -12.40
C ARG A 274 14.13 -8.21 -13.40
N PRO A 275 13.01 -7.44 -13.34
CA PRO A 275 11.93 -7.69 -14.30
C PRO A 275 12.43 -7.59 -15.74
N ASP A 276 11.87 -8.42 -16.63
CA ASP A 276 12.27 -8.41 -18.04
C ASP A 276 12.06 -7.01 -18.61
N GLY A 277 13.11 -6.46 -19.20
CA GLY A 277 13.10 -5.13 -19.81
C GLY A 277 13.22 -3.97 -18.84
N CYS A 278 13.44 -4.23 -17.55
CA CYS A 278 13.54 -3.19 -16.52
C CYS A 278 14.88 -2.48 -16.66
N PRO A 279 14.94 -1.13 -16.69
CA PRO A 279 16.25 -0.45 -16.79
C PRO A 279 17.15 -0.78 -15.58
N ASP A 280 18.46 -0.88 -15.83
CA ASP A 280 19.46 -1.18 -14.80
C ASP A 280 19.35 -0.27 -13.59
N GLU A 281 19.19 1.04 -13.86
CA GLU A 281 19.08 2.11 -12.87
CA GLU A 281 19.06 2.13 -12.90
C GLU A 281 17.90 1.91 -11.93
N ILE A 282 16.78 1.34 -12.44
CA ILE A 282 15.57 1.07 -11.69
C ILE A 282 15.78 -0.14 -10.81
N TYR A 283 16.41 -1.20 -11.35
CA TYR A 283 16.71 -2.40 -10.57
C TYR A 283 17.70 -2.07 -9.45
N MET A 284 18.64 -1.13 -9.68
CA MET A 284 19.61 -0.71 -8.66
C MET A 284 18.88 -0.10 -7.44
N ILE A 285 17.84 0.71 -7.68
CA ILE A 285 16.98 1.30 -6.62
C ILE A 285 16.31 0.16 -5.79
N MET A 286 15.68 -0.82 -6.47
CA MET A 286 15.01 -1.96 -5.81
C MET A 286 15.99 -2.67 -4.87
N THR A 287 17.18 -3.04 -5.40
CA THR A 287 18.18 -3.79 -4.63
C THR A 287 18.71 -2.98 -3.44
N GLU A 288 18.79 -1.63 -3.55
CA GLU A 288 19.21 -0.77 -2.43
C GLU A 288 18.13 -0.75 -1.36
N CYS A 289 16.85 -0.75 -1.78
CA CYS A 289 15.72 -0.80 -0.85
C CYS A 289 15.75 -2.13 -0.10
N TRP A 290 16.15 -3.22 -0.78
CA TRP A 290 16.19 -4.57 -0.19
C TRP A 290 17.52 -4.85 0.54
N ASN A 291 17.98 -3.90 1.36
CA ASN A 291 19.22 -4.12 2.08
C ASN A 291 18.92 -4.76 3.42
N ASN A 292 19.65 -5.84 3.80
CA ASN A 292 19.45 -6.47 5.10
C ASN A 292 19.75 -5.48 6.25
N ASN A 293 20.68 -4.55 6.03
CA ASN A 293 21.03 -3.54 7.01
C ASN A 293 19.99 -2.46 6.91
N VAL A 294 19.18 -2.32 7.96
CA VAL A 294 18.10 -1.33 8.06
C VAL A 294 18.58 0.11 7.75
N ASN A 295 19.69 0.52 8.39
CA ASN A 295 20.30 1.85 8.27
C ASN A 295 20.87 2.18 6.88
N GLN A 296 21.11 1.19 6.02
CA GLN A 296 21.65 1.41 4.68
C GLN A 296 20.58 1.59 3.60
N ARG A 297 19.32 1.37 3.94
CA ARG A 297 18.23 1.53 2.97
C ARG A 297 18.07 3.01 2.68
N PRO A 298 17.79 3.43 1.45
CA PRO A 298 17.65 4.87 1.20
C PRO A 298 16.42 5.46 1.89
N SER A 299 16.35 6.80 1.95
CA SER A 299 15.20 7.49 2.51
C SER A 299 14.23 7.77 1.37
N PHE A 300 12.95 8.02 1.68
CA PHE A 300 11.95 8.38 0.66
C PHE A 300 12.25 9.77 0.08
N ARG A 301 12.91 10.65 0.85
CA ARG A 301 13.28 11.97 0.34
CA ARG A 301 13.29 11.97 0.35
C ARG A 301 14.28 11.75 -0.79
N ASP A 302 15.31 10.91 -0.55
CA ASP A 302 16.34 10.58 -1.54
C ASP A 302 15.81 9.80 -2.73
N LEU A 303 14.83 8.89 -2.48
CA LEU A 303 14.22 8.12 -3.55
C LEU A 303 13.45 9.02 -4.52
N ALA A 304 12.63 9.97 -4.02
CA ALA A 304 11.88 10.88 -4.89
C ALA A 304 12.82 11.77 -5.71
N LEU A 305 13.93 12.24 -5.11
CA LEU A 305 14.93 13.03 -5.85
C LEU A 305 15.59 12.18 -6.98
N ARG A 306 15.97 10.92 -6.65
CA ARG A 306 16.65 10.04 -7.62
C ARG A 306 15.72 9.67 -8.76
N VAL A 307 14.45 9.35 -8.44
CA VAL A 307 13.45 8.97 -9.44
C VAL A 307 13.14 10.18 -10.33
N ASP A 308 13.00 11.39 -9.74
CA ASP A 308 12.78 12.61 -10.53
C ASP A 308 13.94 12.93 -11.49
N GLN A 309 15.20 12.68 -11.05
CA GLN A 309 16.40 12.90 -11.90
C GLN A 309 16.36 11.91 -13.09
N ILE A 310 16.00 10.64 -12.82
CA ILE A 310 15.87 9.59 -13.83
C ILE A 310 14.84 10.00 -14.89
N ARG A 311 13.66 10.49 -14.45
CA ARG A 311 12.56 10.96 -15.32
C ARG A 311 13.05 12.12 -16.22
N ASP A 312 13.84 13.03 -15.64
CA ASP A 312 14.42 14.19 -16.31
C ASP A 312 15.43 13.71 -17.38
N ASN A 313 16.28 12.71 -17.06
CA ASN A 313 17.25 12.15 -18.00
C ASN A 313 16.55 11.44 -19.19
N MET A 314 15.29 11.02 -19.00
CA MET A 314 14.48 10.36 -20.03
C MET A 314 13.69 11.35 -20.87
N ALA A 315 13.04 12.32 -20.21
CA ALA A 315 12.21 13.34 -20.84
C ALA A 315 13.05 14.35 -21.59
N1 9I2 B . -11.11 2.10 -4.33
N3 9I2 B . -11.48 4.46 -4.70
C4 9I2 B . -8.19 3.62 3.50
C5 9I2 B . -7.78 4.29 2.36
C6 9I2 B . -8.27 4.02 1.10
C7 9I2 B . -9.25 3.03 0.96
C8 9I2 B . -9.80 2.82 -0.42
C10 9I2 B . -10.26 1.29 -2.26
C13 9I2 B . -8.13 -1.27 -2.68
C15 9I2 B . -11.41 3.16 -5.11
C17 9I2 B . -10.79 3.68 -2.49
F 9I2 B . -6.89 5.30 2.53
O 9I2 B . -7.61 3.81 4.71
C3 9I2 B . -9.16 2.65 3.35
C2 9I2 B . -9.67 2.32 2.10
C1 9I2 B . -10.58 1.12 2.06
C 9I2 B . -9.79 -0.26 2.14
C18 9I2 B . -10.31 3.87 -1.17
C16 9I2 B . -11.17 4.68 -3.43
N2 9I2 B . -11.64 2.92 -6.41
C14 9I2 B . -10.78 2.37 -3.04
C9 9I2 B . -9.77 1.55 -1.00
N 9I2 B . -10.20 0.03 -2.84
C11 9I2 B . -9.63 -1.16 -2.23
C12 9I2 B . -10.35 -2.42 -2.68
O1 9I2 B . -7.30 -1.68 -1.60
C1 GOL C . -10.93 -1.79 -8.41
O1 GOL C . -9.59 -1.87 -8.86
C2 GOL C . -11.20 -0.48 -7.70
O2 GOL C . -10.95 -0.61 -6.30
C3 GOL C . -12.62 0.00 -7.94
O3 GOL C . -12.80 0.58 -9.22
#